data_5WH9
#
_entry.id   5WH9
#
_cell.length_a   53.656
_cell.length_b   80.758
_cell.length_c   120.282
_cell.angle_alpha   90.00
_cell.angle_beta   90.00
_cell.angle_gamma   90.00
#
_symmetry.space_group_name_H-M   'P 2 2 21'
#
loop_
_entity.id
_entity.type
_entity.pdbx_description
1 polymer '4-hydroxybenzoyl-CoA thioesterase'
2 water water
#
_entity_poly.entity_id   1
_entity_poly.type   'polypeptide(L)'
_entity_poly.pdbx_seq_one_letter_code
;MEGKVYHFRVKFGDTDAAGIVFYPNYYKWMDEACHHFLTELGFPTSELIDKKIGFPIVEATCQFKAPLLFADHVFIRTSI
RELKDKSFILEHHFIKQGRVIASGHEKRVWANFSNGKLAVCPIPSSVRVAFANIGTCE
;
_entity_poly.pdbx_strand_id   A,B,C,D
#
# COMPACT_ATOMS: atom_id res chain seq x y z
N LYS A 4 -25.03 24.53 -20.97
CA LYS A 4 -25.38 23.24 -21.53
C LYS A 4 -26.11 22.32 -20.60
N VAL A 5 -26.84 21.40 -21.19
CA VAL A 5 -27.70 20.49 -20.49
C VAL A 5 -27.35 19.06 -20.79
N TYR A 6 -27.30 18.26 -19.74
CA TYR A 6 -27.09 16.82 -19.89
C TYR A 6 -28.21 16.06 -19.20
N HIS A 7 -29.05 15.36 -19.98
CA HIS A 7 -30.12 14.55 -19.37
C HIS A 7 -29.67 13.12 -19.06
N PHE A 8 -30.20 12.56 -17.97
CA PHE A 8 -29.98 11.16 -17.63
C PHE A 8 -31.14 10.63 -16.81
N ARG A 9 -31.32 9.30 -16.74
CA ARG A 9 -32.29 8.71 -15.81
C ARG A 9 -31.58 7.92 -14.70
N VAL A 10 -32.07 8.02 -13.47
CA VAL A 10 -31.52 7.21 -12.41
C VAL A 10 -31.84 5.76 -12.77
N LYS A 11 -30.80 4.92 -12.77
CA LYS A 11 -30.99 3.50 -13.03
C LYS A 11 -31.19 2.79 -11.69
N PHE A 12 -31.70 1.57 -11.75
CA PHE A 12 -31.91 0.82 -10.52
C PHE A 12 -30.57 0.62 -9.80
N GLY A 13 -29.53 0.40 -10.59
CA GLY A 13 -28.21 0.11 -10.05
C GLY A 13 -27.58 1.31 -9.36
N ASP A 14 -28.14 2.50 -9.60
CA ASP A 14 -27.57 3.71 -9.03
C ASP A 14 -28.01 3.92 -7.60
N THR A 15 -29.04 3.17 -7.20
CA THR A 15 -29.62 3.29 -5.86
C THR A 15 -28.91 2.37 -4.90
N ASP A 16 -29.12 2.61 -3.60
CA ASP A 16 -28.58 1.71 -2.59
C ASP A 16 -29.72 1.25 -1.67
N ALA A 17 -29.37 0.60 -0.59
CA ALA A 17 -30.35 -0.04 0.30
C ALA A 17 -31.20 0.96 1.10
N ALA A 18 -30.75 2.20 1.16
CA ALA A 18 -31.50 3.25 1.83
C ALA A 18 -32.64 3.72 0.91
N GLY A 19 -32.59 3.30 -0.34
CA GLY A 19 -33.70 3.54 -1.26
C GLY A 19 -33.60 4.83 -2.05
N ILE A 20 -32.43 5.45 -2.04
CA ILE A 20 -32.20 6.63 -2.83
C ILE A 20 -30.87 6.45 -3.53
N VAL A 21 -30.41 7.45 -4.25
CA VAL A 21 -29.10 7.35 -4.91
C VAL A 21 -27.92 7.28 -3.93
N PHE A 22 -26.97 6.40 -4.25
CA PHE A 22 -25.68 6.26 -3.60
C PHE A 22 -24.87 7.43 -4.07
N TYR A 23 -24.43 8.26 -3.17
CA TYR A 23 -24.03 9.60 -3.49
C TYR A 23 -22.87 9.74 -4.46
N PRO A 24 -21.86 8.88 -4.36
CA PRO A 24 -20.79 8.98 -5.32
C PRO A 24 -21.20 9.00 -6.79
N ASN A 25 -22.37 8.47 -7.12
CA ASN A 25 -22.90 8.52 -8.47
C ASN A 25 -23.07 9.96 -8.96
N TYR A 26 -23.32 10.89 -8.05
CA TYR A 26 -23.41 12.31 -8.46
C TYR A 26 -22.15 12.80 -9.12
N TYR A 27 -21.00 12.23 -8.75
CA TYR A 27 -19.72 12.60 -9.40
C TYR A 27 -19.53 11.91 -10.74
N LYS A 28 -20.15 10.73 -10.87
CA LYS A 28 -20.14 10.04 -12.15
C LYS A 28 -20.97 10.85 -13.18
N TRP A 29 -22.13 11.33 -12.75
CA TRP A 29 -22.94 12.15 -13.62
C TRP A 29 -22.24 13.50 -13.92
N MET A 30 -21.54 14.10 -12.96
CA MET A 30 -20.75 15.29 -13.29
C MET A 30 -19.69 14.99 -14.34
N ASP A 31 -18.97 13.88 -14.18
CA ASP A 31 -17.97 13.50 -15.17
C ASP A 31 -18.62 13.27 -16.55
N GLU A 32 -19.79 12.65 -16.55
CA GLU A 32 -20.49 12.41 -17.81
C GLU A 32 -20.86 13.74 -18.45
N ALA A 33 -21.43 14.62 -17.64
CA ALA A 33 -21.74 15.97 -18.09
C ALA A 33 -20.49 16.69 -18.63
N CYS A 34 -19.33 16.41 -18.05
CA CYS A 34 -18.14 17.12 -18.48
C CYS A 34 -17.79 16.73 -19.90
N HIS A 35 -17.74 15.42 -20.14
CA HIS A 35 -17.52 14.89 -21.48
C HIS A 35 -18.56 15.39 -22.49
N HIS A 36 -19.83 15.44 -22.07
CA HIS A 36 -20.88 15.92 -22.93
C HIS A 36 -20.66 17.37 -23.30
N PHE A 37 -20.31 18.17 -22.30
CA PHE A 37 -20.04 19.60 -22.48
C PHE A 37 -18.97 19.81 -23.56
N LEU A 38 -17.82 19.18 -23.38
CA LEU A 38 -16.71 19.30 -24.33
C LEU A 38 -17.12 18.84 -25.73
N THR A 39 -17.90 17.77 -25.77
CA THR A 39 -18.33 17.22 -27.05
C THR A 39 -19.23 18.23 -27.75
N GLU A 40 -20.31 18.63 -27.11
CA GLU A 40 -21.31 19.48 -27.67
C GLU A 40 -20.72 20.77 -28.07
N LEU A 41 -19.61 21.10 -27.49
CA LEU A 41 -18.94 22.33 -27.82
C LEU A 41 -17.82 22.13 -28.83
N GLY A 42 -17.90 21.04 -29.57
CA GLY A 42 -17.00 20.75 -30.65
C GLY A 42 -15.84 19.79 -30.57
N PHE A 43 -15.56 19.28 -29.40
CA PHE A 43 -14.44 18.35 -29.17
C PHE A 43 -14.89 17.02 -28.59
N PRO A 44 -15.33 16.09 -29.47
CA PRO A 44 -15.75 14.76 -29.01
C PRO A 44 -14.59 14.11 -28.27
N THR A 45 -14.77 13.92 -26.97
CA THR A 45 -13.67 13.54 -26.07
C THR A 45 -13.03 12.18 -26.40
N SER A 46 -13.80 11.30 -27.04
CA SER A 46 -13.30 9.98 -27.43
C SER A 46 -12.02 10.10 -28.25
N GLU A 47 -11.99 11.07 -29.16
CA GLU A 47 -10.79 11.35 -29.95
C GLU A 47 -9.65 11.83 -29.05
N LEU A 48 -9.95 12.83 -28.22
CA LEU A 48 -8.98 13.40 -27.28
C LEU A 48 -8.35 12.32 -26.39
N ILE A 49 -9.17 11.38 -25.96
CA ILE A 49 -8.71 10.28 -25.14
C ILE A 49 -7.72 9.41 -25.93
N ASP A 50 -8.03 9.19 -27.21
CA ASP A 50 -7.18 8.34 -28.02
C ASP A 50 -5.83 8.99 -28.35
N LYS A 51 -5.76 10.31 -28.22
CA LYS A 51 -4.50 11.03 -28.40
C LYS A 51 -3.64 10.99 -27.15
N LYS A 52 -4.08 10.24 -26.13
CA LYS A 52 -3.41 10.20 -24.82
C LYS A 52 -3.60 11.52 -24.02
N ILE A 53 -4.68 12.22 -24.33
CA ILE A 53 -4.88 13.54 -23.77
C ILE A 53 -6.21 13.78 -23.06
N GLY A 54 -6.08 14.32 -21.86
CA GLY A 54 -7.17 14.45 -20.98
C GLY A 54 -7.31 15.77 -20.27
N PHE A 55 -8.31 15.78 -19.44
CA PHE A 55 -8.58 16.84 -18.51
C PHE A 55 -8.92 16.25 -17.14
N PRO A 56 -7.95 15.65 -16.50
CA PRO A 56 -8.15 14.97 -15.23
C PRO A 56 -8.57 15.97 -14.17
N ILE A 57 -9.33 15.48 -13.21
CA ILE A 57 -9.78 16.19 -12.05
C ILE A 57 -8.66 16.53 -11.09
N VAL A 58 -8.70 17.70 -10.50
CA VAL A 58 -7.93 17.93 -9.32
C VAL A 58 -8.74 18.24 -8.14
N GLU A 59 -9.99 18.63 -8.28
CA GLU A 59 -10.82 18.91 -7.15
C GLU A 59 -12.27 18.82 -7.52
N ALA A 60 -13.09 18.21 -6.70
CA ALA A 60 -14.50 18.13 -6.96
C ALA A 60 -15.26 18.34 -5.68
N THR A 61 -16.44 18.89 -5.79
CA THR A 61 -17.30 19.13 -4.65
C THR A 61 -18.75 19.03 -5.09
N CYS A 62 -19.61 18.65 -4.17
CA CYS A 62 -21.03 18.58 -4.47
C CYS A 62 -21.81 18.73 -3.20
N GLN A 63 -22.92 19.45 -3.27
CA GLN A 63 -23.81 19.66 -2.16
C GLN A 63 -25.18 19.15 -2.54
N PHE A 64 -25.81 18.41 -1.63
CA PHE A 64 -27.01 17.64 -1.95
C PHE A 64 -28.25 18.17 -1.22
N LYS A 65 -29.22 18.67 -1.97
CA LYS A 65 -30.38 19.35 -1.38
C LYS A 65 -31.57 18.42 -1.18
N ALA A 66 -31.74 17.47 -2.08
CA ALA A 66 -32.90 16.58 -2.05
C ALA A 66 -32.53 15.28 -2.77
N PRO A 67 -33.07 14.15 -2.30
CA PRO A 67 -32.61 12.86 -2.83
C PRO A 67 -33.03 12.61 -4.28
N LEU A 68 -32.26 11.82 -5.00
CA LEU A 68 -32.67 11.27 -6.28
C LEU A 68 -33.19 9.85 -6.05
N LEU A 69 -34.17 9.46 -6.85
CA LEU A 69 -34.79 8.15 -6.70
C LEU A 69 -34.73 7.40 -8.00
N PHE A 70 -34.93 6.08 -7.91
CA PHE A 70 -35.01 5.25 -9.09
C PHE A 70 -36.02 5.83 -10.07
N ALA A 71 -35.62 5.90 -11.35
CA ALA A 71 -36.51 6.29 -12.42
C ALA A 71 -36.68 7.80 -12.62
N ASP A 72 -36.16 8.62 -11.69
CA ASP A 72 -36.21 10.07 -11.87
C ASP A 72 -35.56 10.45 -13.17
N HIS A 73 -36.15 11.43 -13.85
CA HIS A 73 -35.48 12.04 -14.98
C HIS A 73 -34.84 13.31 -14.41
N VAL A 74 -33.61 13.58 -14.84
CA VAL A 74 -32.84 14.66 -14.24
C VAL A 74 -31.98 15.21 -15.33
N PHE A 75 -31.55 16.47 -15.16
CA PHE A 75 -30.54 17.01 -16.06
C PHE A 75 -29.61 17.91 -15.31
N ILE A 76 -28.45 18.12 -15.90
CA ILE A 76 -27.40 18.92 -15.33
C ILE A 76 -27.13 20.15 -16.18
N ARG A 77 -27.14 21.30 -15.54
CA ARG A 77 -26.86 22.53 -16.23
C ARG A 77 -25.43 22.69 -15.91
N THR A 78 -24.63 22.81 -16.95
CA THR A 78 -23.23 22.89 -16.74
C THR A 78 -22.66 24.14 -17.27
N SER A 79 -21.77 24.70 -16.50
CA SER A 79 -21.04 25.83 -17.06
C SER A 79 -19.62 25.98 -16.54
N ILE A 80 -18.84 26.75 -17.30
CA ILE A 80 -17.46 27.09 -17.03
C ILE A 80 -17.38 28.44 -16.31
N ARG A 81 -16.92 28.31 -15.07
CA ARG A 81 -16.80 29.37 -14.13
C ARG A 81 -15.47 30.10 -13.94
N GLU A 82 -14.37 29.36 -13.99
CA GLU A 82 -13.15 30.10 -13.87
C GLU A 82 -12.50 29.46 -14.97
N LEU A 83 -11.40 30.01 -15.49
CA LEU A 83 -10.75 29.51 -16.69
C LEU A 83 -9.37 30.09 -16.78
N LYS A 84 -8.39 29.33 -16.34
CA LYS A 84 -7.01 29.79 -16.30
C LYS A 84 -6.25 29.22 -17.47
N ASP A 85 -4.93 29.33 -17.42
CA ASP A 85 -4.10 28.90 -18.53
C ASP A 85 -4.04 27.38 -18.66
N LYS A 86 -3.85 26.70 -17.52
CA LYS A 86 -3.70 25.25 -17.51
C LYS A 86 -4.85 24.52 -16.79
N SER A 87 -5.87 25.27 -16.38
CA SER A 87 -6.98 24.67 -15.64
C SER A 87 -8.27 25.46 -15.82
N PHE A 88 -9.38 24.86 -15.38
CA PHE A 88 -10.66 25.51 -15.47
C PHE A 88 -11.65 24.82 -14.54
N ILE A 89 -12.75 25.51 -14.24
CA ILE A 89 -13.77 24.96 -13.37
C ILE A 89 -15.10 24.82 -14.13
N LEU A 90 -15.77 23.70 -13.89
CA LEU A 90 -17.09 23.48 -14.43
C LEU A 90 -18.03 23.44 -13.25
N GLU A 91 -19.04 24.29 -13.27
CA GLU A 91 -20.14 24.22 -12.31
C GLU A 91 -21.21 23.33 -12.91
N HIS A 92 -21.86 22.54 -12.06
CA HIS A 92 -22.88 21.60 -12.50
C HIS A 92 -24.10 21.74 -11.58
N HIS A 93 -25.29 21.90 -12.15
CA HIS A 93 -26.49 22.03 -11.35
C HIS A 93 -27.50 20.93 -11.66
N PHE A 94 -27.88 20.18 -10.65
CA PHE A 94 -28.84 19.11 -10.86
C PHE A 94 -30.25 19.62 -10.69
N ILE A 95 -30.99 19.63 -11.80
CA ILE A 95 -32.39 20.04 -11.80
C ILE A 95 -33.30 18.84 -12.00
N LYS A 96 -34.19 18.62 -11.04
CA LYS A 96 -35.27 17.69 -11.18
C LYS A 96 -36.54 18.54 -11.12
N GLN A 97 -37.31 18.54 -12.21
CA GLN A 97 -38.63 19.20 -12.25
C GLN A 97 -38.57 20.67 -11.91
N GLY A 98 -37.69 21.40 -12.57
CA GLY A 98 -37.53 22.82 -12.31
C GLY A 98 -36.69 23.16 -11.09
N ARG A 99 -36.49 22.19 -10.20
CA ARG A 99 -35.79 22.44 -8.93
C ARG A 99 -34.35 21.93 -8.90
N VAL A 100 -33.46 22.73 -8.32
CA VAL A 100 -32.08 22.28 -8.10
C VAL A 100 -32.03 21.37 -6.89
N ILE A 101 -31.68 20.10 -7.11
CA ILE A 101 -31.65 19.13 -6.03
C ILE A 101 -30.22 18.86 -5.50
N ALA A 102 -29.23 19.34 -6.25
CA ALA A 102 -27.81 19.28 -5.84
C ALA A 102 -26.99 20.14 -6.79
N SER A 103 -25.81 20.58 -6.33
CA SER A 103 -24.94 21.41 -7.16
C SER A 103 -23.47 21.26 -6.75
N GLY A 104 -22.57 21.52 -7.69
CA GLY A 104 -21.16 21.32 -7.40
C GLY A 104 -20.26 21.81 -8.51
N HIS A 105 -19.00 21.41 -8.45
CA HIS A 105 -18.08 21.80 -9.50
C HIS A 105 -16.93 20.82 -9.59
N GLU A 106 -16.15 20.93 -10.64
CA GLU A 106 -14.94 20.15 -10.84
C GLU A 106 -13.91 21.13 -11.30
N LYS A 107 -12.77 21.16 -10.64
CA LYS A 107 -11.62 21.88 -11.14
C LYS A 107 -10.79 20.85 -11.88
N ARG A 108 -10.62 21.07 -13.18
CA ARG A 108 -9.91 20.13 -14.01
C ARG A 108 -8.77 20.86 -14.70
N VAL A 109 -7.80 20.12 -15.15
CA VAL A 109 -6.63 20.64 -15.82
C VAL A 109 -6.41 19.90 -17.16
N TRP A 110 -5.59 20.45 -18.03
CA TRP A 110 -5.17 19.75 -19.25
C TRP A 110 -3.93 18.86 -19.12
N ALA A 111 -3.88 17.77 -19.88
CA ALA A 111 -2.74 16.85 -20.00
C ALA A 111 -2.90 16.04 -21.29
N CYS A 121 0.07 20.37 -19.24
CA CYS A 121 0.15 21.20 -20.44
C CYS A 121 -1.01 22.18 -20.40
N PRO A 122 -0.89 23.29 -21.21
CA PRO A 122 -2.00 24.25 -21.12
C PRO A 122 -3.21 23.91 -21.99
N ILE A 123 -4.31 24.60 -21.75
CA ILE A 123 -5.50 24.40 -22.50
C ILE A 123 -5.29 24.91 -23.90
N PRO A 124 -5.72 24.11 -24.86
CA PRO A 124 -5.62 24.48 -26.26
C PRO A 124 -6.60 25.54 -26.74
N SER A 125 -6.09 26.34 -27.67
CA SER A 125 -6.65 27.58 -28.13
C SER A 125 -8.02 27.31 -28.69
N SER A 126 -8.14 26.24 -29.42
CA SER A 126 -9.38 25.86 -29.98
C SER A 126 -10.33 25.65 -28.83
N VAL A 127 -9.79 25.12 -27.76
CA VAL A 127 -10.55 25.01 -26.51
C VAL A 127 -10.87 26.30 -25.77
N ARG A 128 -9.90 27.18 -25.68
CA ARG A 128 -10.14 28.47 -25.08
C ARG A 128 -11.18 29.26 -25.84
N VAL A 129 -11.04 29.25 -27.15
CA VAL A 129 -11.89 30.04 -28.00
C VAL A 129 -13.29 29.53 -27.81
N ALA A 130 -13.37 28.27 -27.57
CA ALA A 130 -14.67 27.63 -27.48
C ALA A 130 -15.35 28.05 -26.19
N PHE A 131 -14.55 28.22 -25.14
CA PHE A 131 -15.07 28.54 -23.82
C PHE A 131 -15.52 29.98 -23.72
N ALA A 132 -14.87 30.84 -24.46
CA ALA A 132 -15.30 32.20 -24.56
C ALA A 132 -16.43 32.14 -25.54
N ASN A 133 -17.28 31.15 -25.35
CA ASN A 133 -18.35 30.84 -26.26
C ASN A 133 -18.02 31.08 -27.72
N VAL B 5 -7.96 2.92 10.84
CA VAL B 5 -7.79 3.27 9.44
C VAL B 5 -8.45 2.24 8.52
N TYR B 6 -8.95 2.69 7.37
CA TYR B 6 -9.60 1.79 6.46
C TYR B 6 -8.72 1.46 5.27
N HIS B 7 -8.30 0.22 5.22
CA HIS B 7 -7.45 -0.29 4.16
C HIS B 7 -8.23 -0.74 2.95
N PHE B 8 -7.63 -0.61 1.79
CA PHE B 8 -8.25 -1.05 0.55
C PHE B 8 -7.25 -1.11 -0.58
N ARG B 9 -7.59 -1.87 -1.60
CA ARG B 9 -6.77 -2.03 -2.79
C ARG B 9 -7.55 -1.58 -4.02
N VAL B 10 -6.87 -0.88 -4.93
CA VAL B 10 -7.44 -0.50 -6.21
C VAL B 10 -7.68 -1.71 -7.13
N LYS B 11 -8.95 -1.97 -7.42
CA LYS B 11 -9.32 -3.02 -8.36
C LYS B 11 -9.15 -2.53 -9.79
N PHE B 12 -8.87 -3.46 -10.68
CA PHE B 12 -8.84 -3.17 -12.10
C PHE B 12 -10.09 -2.36 -12.51
N GLY B 13 -11.25 -2.78 -12.01
CA GLY B 13 -12.51 -2.16 -12.36
C GLY B 13 -12.72 -0.75 -11.84
N ASP B 14 -11.79 -0.29 -10.98
CA ASP B 14 -11.81 1.08 -10.46
C ASP B 14 -11.04 2.01 -11.39
N THR B 15 -10.36 1.43 -12.39
CA THR B 15 -9.60 2.23 -13.34
C THR B 15 -10.46 2.57 -14.56
N ASP B 16 -9.96 3.47 -15.40
CA ASP B 16 -10.63 3.78 -16.64
C ASP B 16 -9.59 3.84 -17.76
N ALA B 17 -10.03 4.22 -18.95
CA ALA B 17 -9.19 4.13 -20.13
C ALA B 17 -7.93 4.96 -20.03
N ALA B 18 -7.95 6.01 -19.22
CA ALA B 18 -6.80 6.89 -19.08
C ALA B 18 -5.69 6.27 -18.26
N GLY B 19 -5.92 5.04 -17.75
CA GLY B 19 -4.88 4.30 -17.05
C GLY B 19 -4.87 4.49 -15.55
N ILE B 20 -5.70 5.40 -15.07
CA ILE B 20 -5.77 5.74 -13.67
C ILE B 20 -7.19 5.63 -13.16
N VAL B 21 -7.35 5.69 -11.85
CA VAL B 21 -8.64 5.58 -11.19
C VAL B 21 -9.67 6.68 -11.56
N PHE B 22 -10.89 6.25 -11.80
CA PHE B 22 -12.04 7.10 -12.09
C PHE B 22 -12.27 7.82 -10.76
N TYR B 23 -12.46 9.13 -10.76
CA TYR B 23 -12.53 9.94 -9.53
C TYR B 23 -13.53 9.79 -8.35
N PRO B 24 -14.77 9.48 -8.67
CA PRO B 24 -15.88 9.26 -7.77
C PRO B 24 -15.39 8.07 -7.04
N ASN B 25 -14.67 7.12 -7.66
CA ASN B 25 -14.35 6.08 -6.72
C ASN B 25 -13.80 6.60 -5.40
N TYR B 26 -13.12 7.75 -5.41
CA TYR B 26 -12.61 8.28 -4.16
C TYR B 26 -13.75 8.54 -3.17
N TYR B 27 -14.93 8.90 -3.69
CA TYR B 27 -16.10 9.13 -2.85
C TYR B 27 -16.68 7.83 -2.34
N LYS B 28 -16.67 6.80 -3.19
CA LYS B 28 -17.06 5.45 -2.81
C LYS B 28 -16.18 5.00 -1.65
N TRP B 29 -14.88 5.26 -1.75
CA TRP B 29 -13.96 4.82 -0.71
C TRP B 29 -14.18 5.60 0.58
N MET B 30 -14.49 6.89 0.48
CA MET B 30 -14.82 7.67 1.68
C MET B 30 -16.11 7.17 2.29
N ASP B 31 -17.09 6.86 1.46
CA ASP B 31 -18.30 6.28 2.00
C ASP B 31 -17.95 5.00 2.77
N GLU B 32 -17.08 4.17 2.21
CA GLU B 32 -16.69 2.94 2.88
C GLU B 32 -15.91 3.24 4.17
N ALA B 33 -15.00 4.21 4.11
CA ALA B 33 -14.27 4.56 5.31
C ALA B 33 -15.25 5.01 6.39
N CYS B 34 -16.22 5.85 6.02
CA CYS B 34 -17.21 6.35 6.97
C CYS B 34 -17.91 5.23 7.71
N HIS B 35 -18.38 4.23 6.97
CA HIS B 35 -19.07 3.07 7.54
C HIS B 35 -18.14 2.26 8.42
N HIS B 36 -16.90 2.12 7.98
CA HIS B 36 -15.93 1.35 8.72
C HIS B 36 -15.56 2.09 9.98
N PHE B 37 -15.65 3.41 9.90
CA PHE B 37 -15.36 4.28 11.02
C PHE B 37 -16.41 4.07 12.11
N LEU B 38 -17.68 4.19 11.76
CA LEU B 38 -18.76 4.08 12.75
C LEU B 38 -18.82 2.70 13.39
N THR B 39 -18.55 1.68 12.58
CA THR B 39 -18.55 0.31 13.04
C THR B 39 -17.45 0.08 14.09
N GLU B 40 -16.24 0.53 13.80
CA GLU B 40 -15.16 0.32 14.75
C GLU B 40 -15.38 1.11 16.04
N LEU B 41 -16.15 2.19 15.98
CA LEU B 41 -16.52 2.95 17.16
C LEU B 41 -17.56 2.18 17.99
N GLY B 42 -18.12 1.12 17.42
CA GLY B 42 -19.08 0.32 18.15
C GLY B 42 -20.51 0.36 17.62
N PHE B 43 -20.69 1.01 16.47
CA PHE B 43 -22.02 1.14 15.89
C PHE B 43 -22.02 0.54 14.48
N PRO B 44 -22.17 -0.80 14.39
CA PRO B 44 -22.21 -1.53 13.11
C PRO B 44 -23.31 -0.97 12.22
N THR B 45 -22.93 -0.32 11.14
CA THR B 45 -23.90 0.42 10.32
C THR B 45 -24.91 -0.47 9.60
N SER B 46 -24.59 -1.75 9.41
CA SER B 46 -25.55 -2.71 8.85
C SER B 46 -26.77 -2.80 9.75
N GLU B 47 -26.51 -2.69 11.05
CA GLU B 47 -27.52 -2.71 12.08
C GLU B 47 -28.40 -1.47 11.95
N LEU B 48 -27.79 -0.31 11.76
CA LEU B 48 -28.56 0.91 11.59
C LEU B 48 -29.44 0.93 10.34
N ILE B 49 -28.92 0.48 9.21
CA ILE B 49 -29.66 0.49 7.94
C ILE B 49 -30.88 -0.41 8.08
N ASP B 50 -30.70 -1.53 8.76
CA ASP B 50 -31.75 -2.49 9.02
C ASP B 50 -32.85 -1.80 9.82
N LYS B 51 -32.45 -0.97 10.77
CA LYS B 51 -33.39 -0.23 11.58
C LYS B 51 -33.85 1.08 10.94
N LYS B 52 -33.46 1.27 9.68
CA LYS B 52 -33.79 2.45 8.90
C LYS B 52 -33.26 3.74 9.48
N ILE B 53 -32.04 3.66 9.97
CA ILE B 53 -31.31 4.78 10.55
C ILE B 53 -30.11 5.02 9.67
N GLY B 54 -29.84 6.27 9.35
CA GLY B 54 -28.74 6.57 8.46
C GLY B 54 -27.98 7.84 8.82
N PHE B 55 -26.98 8.17 8.01
CA PHE B 55 -26.13 9.33 8.23
C PHE B 55 -25.83 9.91 6.85
N PRO B 56 -26.88 10.39 6.19
CA PRO B 56 -26.84 10.86 4.80
C PRO B 56 -25.85 12.00 4.59
N ILE B 57 -25.25 12.04 3.41
CA ILE B 57 -24.30 13.08 3.09
C ILE B 57 -25.07 14.36 2.77
N VAL B 58 -24.56 15.51 3.22
CA VAL B 58 -25.11 16.78 2.75
C VAL B 58 -24.14 17.50 1.82
N GLU B 59 -22.86 17.19 1.97
CA GLU B 59 -21.82 17.82 1.18
C GLU B 59 -20.55 16.98 1.19
N ALA B 60 -19.82 16.92 0.07
CA ALA B 60 -18.58 16.17 0.01
C ALA B 60 -17.57 16.77 -0.94
N THR B 61 -16.30 16.77 -0.52
CA THR B 61 -15.24 17.43 -1.26
C THR B 61 -14.00 16.56 -1.28
N CYS B 62 -13.31 16.51 -2.40
CA CYS B 62 -12.07 15.78 -2.46
C CYS B 62 -11.06 16.51 -3.34
N GLN B 63 -9.81 16.39 -2.93
CA GLN B 63 -8.73 17.12 -3.54
C GLN B 63 -7.67 16.08 -3.89
N PHE B 64 -7.42 15.93 -5.19
CA PHE B 64 -6.56 14.87 -5.69
C PHE B 64 -5.15 15.39 -5.97
N LYS B 65 -4.16 14.82 -5.30
CA LYS B 65 -2.77 15.30 -5.41
C LYS B 65 -1.98 14.47 -6.40
N ALA B 66 -2.05 13.15 -6.22
CA ALA B 66 -1.34 12.18 -7.06
C ALA B 66 -2.23 11.01 -7.46
N PRO B 67 -1.96 10.39 -8.60
CA PRO B 67 -2.79 9.30 -9.13
C PRO B 67 -2.74 7.95 -8.38
N LEU B 68 -3.87 7.27 -8.30
CA LEU B 68 -3.97 5.88 -7.90
C LEU B 68 -4.13 5.06 -9.18
N LEU B 69 -3.41 4.07 -8.89
CA LEU B 69 -3.24 3.16 -10.00
C LEU B 69 -3.74 1.78 -9.63
N PHE B 70 -3.99 0.96 -10.65
CA PHE B 70 -4.42 -0.41 -10.42
C PHE B 70 -3.45 -1.17 -9.50
N ALA B 71 -4.03 -1.77 -8.45
CA ALA B 71 -3.33 -2.63 -7.49
C ALA B 71 -2.66 -1.86 -6.38
N ASP B 72 -2.74 -0.54 -6.42
CA ASP B 72 -2.23 0.25 -5.32
C ASP B 72 -2.86 -0.22 -4.00
N HIS B 73 -2.02 -0.31 -2.96
CA HIS B 73 -2.50 -0.52 -1.59
C HIS B 73 -2.71 0.87 -1.03
N VAL B 74 -3.82 1.08 -0.34
CA VAL B 74 -4.14 2.41 0.13
C VAL B 74 -4.83 2.26 1.43
N PHE B 75 -4.74 3.29 2.27
CA PHE B 75 -5.62 3.35 3.42
C PHE B 75 -6.11 4.79 3.65
N ILE B 76 -7.23 4.92 4.32
CA ILE B 76 -7.76 6.24 4.59
C ILE B 76 -7.71 6.50 6.09
N ARG B 77 -7.25 7.69 6.46
CA ARG B 77 -7.29 8.13 7.86
C ARG B 77 -8.51 9.01 8.06
N THR B 78 -9.43 8.56 8.91
CA THR B 78 -10.65 9.32 9.13
C THR B 78 -10.65 9.92 10.52
N SER B 79 -10.87 11.22 10.57
CA SER B 79 -11.05 11.88 11.85
C SER B 79 -12.38 12.63 11.79
N ILE B 80 -12.94 12.97 12.95
CA ILE B 80 -14.20 13.72 12.98
C ILE B 80 -13.91 15.16 13.42
N ARG B 81 -14.41 16.08 12.65
CA ARG B 81 -14.05 17.44 12.84
C ARG B 81 -15.05 18.57 12.95
N GLU B 82 -16.35 18.39 12.87
CA GLU B 82 -17.25 19.53 13.13
C GLU B 82 -18.54 19.15 13.81
N LEU B 83 -18.45 18.52 14.96
CA LEU B 83 -19.62 17.89 15.52
C LEU B 83 -20.62 18.89 16.03
N LYS B 84 -21.84 18.77 15.56
CA LYS B 84 -22.89 19.63 16.09
C LYS B 84 -24.02 18.75 16.54
N ASP B 85 -25.12 19.34 17.00
CA ASP B 85 -26.24 18.55 17.45
C ASP B 85 -26.75 17.63 16.33
N LYS B 86 -26.89 18.17 15.13
CA LYS B 86 -27.57 17.42 14.09
C LYS B 86 -26.71 17.01 12.89
N SER B 87 -25.45 17.45 12.87
CA SER B 87 -24.54 17.11 11.79
C SER B 87 -23.11 16.86 12.30
N PHE B 88 -22.28 16.26 11.45
CA PHE B 88 -20.86 16.12 11.72
C PHE B 88 -20.10 16.06 10.40
N ILE B 89 -18.81 16.38 10.44
CA ILE B 89 -17.93 16.29 9.28
C ILE B 89 -16.80 15.28 9.52
N LEU B 90 -16.61 14.38 8.58
CA LEU B 90 -15.49 13.44 8.60
C LEU B 90 -14.41 13.94 7.66
N GLU B 91 -13.19 14.04 8.17
CA GLU B 91 -12.04 14.26 7.30
C GLU B 91 -11.42 12.91 6.89
N HIS B 92 -11.11 12.77 5.60
CA HIS B 92 -10.51 11.54 5.08
C HIS B 92 -9.25 11.88 4.34
N HIS B 93 -8.17 11.19 4.67
CA HIS B 93 -6.90 11.38 4.01
C HIS B 93 -6.43 10.07 3.39
N PHE B 94 -6.24 10.07 2.08
CA PHE B 94 -5.76 8.89 1.38
C PHE B 94 -4.26 8.82 1.48
N ILE B 95 -3.80 7.68 2.01
CA ILE B 95 -2.38 7.46 2.15
C ILE B 95 -1.93 6.32 1.23
N LYS B 96 -0.99 6.64 0.37
CA LYS B 96 -0.32 5.66 -0.46
C LYS B 96 1.17 5.83 -0.31
N GLN B 97 1.87 4.72 -0.05
CA GLN B 97 3.31 4.72 0.09
C GLN B 97 3.73 5.71 1.16
N GLY B 98 2.95 5.72 2.24
CA GLY B 98 3.27 6.55 3.39
C GLY B 98 2.98 8.03 3.21
N ARG B 99 2.44 8.41 2.04
CA ARG B 99 2.13 9.81 1.73
C ARG B 99 0.66 10.08 1.44
N VAL B 100 0.23 11.32 1.70
CA VAL B 100 -1.13 11.75 1.37
C VAL B 100 -1.29 12.12 -0.11
N ILE B 101 -2.06 11.32 -0.84
CA ILE B 101 -2.24 11.54 -2.28
C ILE B 101 -3.62 12.08 -2.64
N ALA B 102 -4.46 12.30 -1.64
CA ALA B 102 -5.76 12.92 -1.82
C ALA B 102 -6.33 13.15 -0.44
N SER B 103 -7.15 14.17 -0.29
CA SER B 103 -7.83 14.41 0.99
C SER B 103 -9.16 15.13 0.81
N GLY B 104 -10.16 14.66 1.53
CA GLY B 104 -11.45 15.32 1.45
C GLY B 104 -12.20 15.29 2.75
N HIS B 105 -13.47 15.65 2.67
CA HIS B 105 -14.33 15.52 3.83
C HIS B 105 -15.75 15.23 3.37
N GLU B 106 -16.55 14.78 4.30
CA GLU B 106 -17.97 14.60 4.10
C GLU B 106 -18.67 15.37 5.22
N LYS B 107 -19.63 16.21 4.86
CA LYS B 107 -20.57 16.71 5.85
C LYS B 107 -21.76 15.76 5.88
N ARG B 108 -22.09 15.23 7.06
CA ARG B 108 -23.21 14.31 7.18
C ARG B 108 -24.16 14.70 8.30
N VAL B 109 -25.42 14.28 8.16
CA VAL B 109 -26.41 14.53 9.17
C VAL B 109 -26.90 13.18 9.67
N TRP B 110 -27.83 13.19 10.62
CA TRP B 110 -28.42 11.95 11.10
C TRP B 110 -29.89 11.94 10.72
N ALA B 111 -30.36 10.83 10.16
CA ALA B 111 -31.75 10.71 9.72
C ALA B 111 -32.39 9.38 10.08
N ASN B 112 -33.72 9.33 9.98
CA ASN B 112 -34.48 8.13 10.31
C ASN B 112 -35.51 7.76 9.24
N ALA B 119 -36.22 11.90 7.24
CA ALA B 119 -36.47 12.67 8.46
C ALA B 119 -35.20 12.86 9.27
N VAL B 120 -34.54 14.02 9.09
CA VAL B 120 -33.32 14.32 9.83
C VAL B 120 -33.58 14.42 11.32
N CYS B 121 -32.56 14.12 12.12
CA CYS B 121 -32.71 14.19 13.55
C CYS B 121 -31.36 14.34 14.25
N PRO B 122 -31.39 14.52 15.57
CA PRO B 122 -30.13 14.71 16.30
C PRO B 122 -29.31 13.42 16.31
N ILE B 123 -28.00 13.56 16.19
CA ILE B 123 -27.09 12.45 16.40
C ILE B 123 -27.42 11.85 17.77
N PRO B 124 -27.49 10.55 17.83
CA PRO B 124 -27.79 9.85 19.05
C PRO B 124 -26.70 10.06 20.01
N SER B 125 -27.15 10.06 21.23
CA SER B 125 -26.38 10.41 22.36
C SER B 125 -25.18 9.49 22.53
N SER B 126 -25.36 8.21 22.32
CA SER B 126 -24.28 7.27 22.40
C SER B 126 -23.24 7.52 21.36
N VAL B 127 -23.68 7.86 20.16
CA VAL B 127 -22.79 8.21 19.07
C VAL B 127 -22.11 9.54 19.39
N ARG B 128 -22.88 10.51 19.86
CA ARG B 128 -22.31 11.80 20.24
C ARG B 128 -21.12 11.60 21.18
N VAL B 129 -21.31 10.87 22.26
CA VAL B 129 -20.26 10.62 23.25
C VAL B 129 -19.07 9.87 22.64
N ALA B 130 -19.35 9.00 21.68
CA ALA B 130 -18.30 8.24 21.03
C ALA B 130 -17.48 9.14 20.10
N PHE B 131 -18.14 10.10 19.46
CA PHE B 131 -17.47 11.15 18.69
C PHE B 131 -16.72 12.12 19.59
N ALA B 132 -17.21 12.32 20.80
CA ALA B 132 -16.59 13.25 21.73
C ALA B 132 -15.55 12.55 22.59
N ASN B 133 -14.80 11.65 21.99
CA ASN B 133 -13.75 10.92 22.71
C ASN B 133 -12.75 10.30 21.73
N LYS C 4 18.16 -24.20 23.64
CA LYS C 4 17.68 -23.07 22.91
C LYS C 4 18.58 -21.88 23.02
N VAL C 5 19.85 -22.05 23.30
CA VAL C 5 20.81 -20.96 23.18
C VAL C 5 22.03 -21.29 22.32
N TYR C 6 22.25 -20.48 21.33
CA TYR C 6 23.35 -20.64 20.39
C TYR C 6 24.35 -19.50 20.45
N HIS C 7 25.53 -19.83 20.88
CA HIS C 7 26.58 -18.82 20.96
C HIS C 7 27.39 -18.74 19.67
N PHE C 8 27.74 -17.51 19.28
CA PHE C 8 28.67 -17.28 18.16
C PHE C 8 29.40 -15.97 18.38
N ARG C 9 30.48 -15.76 17.62
CA ARG C 9 31.17 -14.46 17.64
C ARG C 9 31.25 -13.83 16.27
N VAL C 10 31.12 -12.50 16.22
CA VAL C 10 31.19 -11.82 14.93
C VAL C 10 32.60 -11.95 14.36
N LYS C 11 32.70 -12.45 13.14
CA LYS C 11 34.00 -12.62 12.49
C LYS C 11 34.27 -11.40 11.63
N PHE C 12 35.54 -11.15 11.34
CA PHE C 12 35.90 -10.04 10.47
C PHE C 12 35.15 -10.17 9.17
N GLY C 13 34.99 -11.42 8.72
CA GLY C 13 34.38 -11.71 7.44
C GLY C 13 32.89 -11.42 7.42
N ASP C 14 32.31 -11.30 8.60
CA ASP C 14 30.88 -10.98 8.68
C ASP C 14 30.67 -9.48 8.58
N THR C 15 31.75 -8.70 8.58
CA THR C 15 31.59 -7.26 8.46
C THR C 15 31.57 -6.82 7.01
N ASP C 16 31.07 -5.61 6.79
CA ASP C 16 31.07 -4.96 5.49
C ASP C 16 31.74 -3.60 5.68
N ALA C 17 31.90 -2.84 4.61
CA ALA C 17 32.73 -1.63 4.67
C ALA C 17 32.15 -0.50 5.51
N ALA C 18 30.86 -0.58 5.85
CA ALA C 18 30.27 0.40 6.75
C ALA C 18 30.65 0.10 8.19
N GLY C 19 31.57 -0.83 8.39
CA GLY C 19 32.05 -1.17 9.72
C GLY C 19 31.12 -1.89 10.65
N ILE C 20 30.07 -2.48 10.10
CA ILE C 20 29.10 -3.23 10.88
C ILE C 20 28.76 -4.50 10.13
N VAL C 21 28.08 -5.42 10.78
CA VAL C 21 27.72 -6.68 10.16
C VAL C 21 26.74 -6.54 8.99
N PHE C 22 27.07 -7.22 7.89
CA PHE C 22 26.25 -7.25 6.69
C PHE C 22 24.99 -7.94 7.19
N TYR C 23 23.84 -7.35 6.94
CA TYR C 23 22.57 -7.86 7.48
C TYR C 23 22.15 -9.27 7.11
N PRO C 24 22.45 -9.72 5.91
CA PRO C 24 22.02 -11.06 5.52
C PRO C 24 22.67 -12.06 6.48
N ASN C 25 23.79 -11.72 7.10
CA ASN C 25 24.43 -12.65 8.02
C ASN C 25 23.51 -13.05 9.18
N TYR C 26 22.55 -12.18 9.50
CA TYR C 26 21.61 -12.45 10.59
C TYR C 26 20.75 -13.68 10.29
N TYR C 27 20.32 -13.81 9.05
CA TYR C 27 19.53 -14.95 8.59
C TYR C 27 20.33 -16.24 8.64
N LYS C 28 21.60 -16.12 8.32
CA LYS C 28 22.55 -17.17 8.44
C LYS C 28 22.74 -17.60 9.88
N TRP C 29 22.88 -16.65 10.79
CA TRP C 29 22.94 -17.07 12.18
C TRP C 29 21.64 -17.72 12.66
N MET C 30 20.49 -17.18 12.25
CA MET C 30 19.23 -17.82 12.58
C MET C 30 19.18 -19.28 12.09
N ASP C 31 19.60 -19.52 10.85
CA ASP C 31 19.57 -20.86 10.27
C ASP C 31 20.46 -21.80 11.09
N GLU C 32 21.63 -21.29 11.49
CA GLU C 32 22.53 -22.03 12.39
C GLU C 32 21.92 -22.28 13.77
N ALA C 33 21.13 -21.33 14.25
CA ALA C 33 20.45 -21.48 15.53
C ALA C 33 19.43 -22.57 15.40
N CYS C 34 18.74 -22.58 14.27
CA CYS C 34 17.71 -23.57 13.99
C CYS C 34 18.28 -24.97 14.00
N HIS C 35 19.41 -25.19 13.32
CA HIS C 35 20.03 -26.51 13.28
C HIS C 35 20.50 -26.95 14.69
N HIS C 36 21.08 -26.02 15.43
CA HIS C 36 21.53 -26.26 16.80
C HIS C 36 20.34 -26.58 17.71
N PHE C 37 19.23 -25.90 17.45
CA PHE C 37 18.00 -26.12 18.19
C PHE C 37 17.50 -27.55 17.99
N LEU C 38 17.43 -27.99 16.74
CA LEU C 38 16.83 -29.29 16.46
C LEU C 38 17.71 -30.40 16.97
N THR C 39 19.01 -30.24 16.79
CA THR C 39 19.96 -31.18 17.34
C THR C 39 19.76 -31.33 18.83
N GLU C 40 19.67 -30.22 19.54
CA GLU C 40 19.53 -30.20 20.96
C GLU C 40 18.26 -30.92 21.41
N LEU C 41 17.26 -30.87 20.58
CA LEU C 41 16.02 -31.54 20.81
C LEU C 41 16.10 -33.03 20.60
N GLY C 42 17.19 -33.49 20.03
CA GLY C 42 17.37 -34.91 19.80
C GLY C 42 17.34 -35.26 18.33
N PHE C 43 17.39 -34.26 17.47
CA PHE C 43 17.35 -34.52 16.03
C PHE C 43 18.52 -33.90 15.28
N PRO C 44 19.67 -34.59 15.29
CA PRO C 44 20.86 -34.16 14.55
C PRO C 44 20.58 -33.95 13.05
N THR C 45 20.85 -32.73 12.57
CA THR C 45 20.49 -32.32 11.21
C THR C 45 21.20 -33.08 10.09
N SER C 46 22.53 -33.21 10.22
CA SER C 46 23.33 -33.99 9.27
C SER C 46 22.63 -35.27 8.80
N GLU C 47 22.06 -35.99 9.76
CA GLU C 47 21.38 -37.25 9.48
C GLU C 47 20.20 -37.06 8.53
N LEU C 48 19.29 -36.17 8.91
CA LEU C 48 18.13 -35.83 8.08
C LEU C 48 18.57 -35.46 6.68
N ILE C 49 19.51 -34.53 6.59
CA ILE C 49 19.97 -34.01 5.32
C ILE C 49 20.51 -35.13 4.47
N ASP C 50 21.20 -36.05 5.11
CA ASP C 50 21.77 -37.21 4.45
C ASP C 50 20.63 -38.03 3.87
N LYS C 51 19.52 -38.05 4.59
CA LYS C 51 18.33 -38.77 4.18
C LYS C 51 17.44 -37.94 3.25
N LYS C 52 17.82 -36.73 2.89
CA LYS C 52 16.93 -35.93 1.97
C LYS C 52 15.52 -35.47 2.49
N ILE C 53 15.58 -35.08 3.74
CA ILE C 53 14.49 -34.61 4.54
C ILE C 53 15.04 -33.33 5.08
N GLY C 54 14.20 -32.30 5.11
CA GLY C 54 14.63 -31.02 5.58
C GLY C 54 13.46 -30.30 6.18
N PHE C 55 13.73 -29.11 6.68
CA PHE C 55 12.72 -28.24 7.24
C PHE C 55 13.07 -26.91 6.60
N PRO C 56 12.68 -26.80 5.27
CA PRO C 56 13.03 -25.52 4.61
C PRO C 56 12.18 -24.33 5.06
N ILE C 57 12.74 -23.16 4.84
CA ILE C 57 12.10 -21.92 5.21
C ILE C 57 11.14 -21.40 4.14
N VAL C 58 9.96 -20.96 4.57
CA VAL C 58 8.98 -20.40 3.65
C VAL C 58 8.77 -18.92 3.91
N GLU C 59 9.25 -18.47 5.07
CA GLU C 59 9.12 -17.06 5.39
C GLU C 59 10.08 -16.74 6.53
N ALA C 60 10.79 -15.62 6.43
CA ALA C 60 11.65 -15.17 7.51
C ALA C 60 11.59 -13.67 7.61
N THR C 61 11.79 -13.14 8.78
CA THR C 61 11.74 -11.74 9.01
C THR C 61 12.73 -11.47 10.07
N CYS C 62 13.42 -10.38 9.93
CA CYS C 62 14.20 -9.86 10.96
C CYS C 62 14.06 -8.39 10.92
N GLN C 63 14.31 -7.94 12.05
CA GLN C 63 14.08 -6.60 12.49
C GLN C 63 15.23 -6.15 13.34
N PHE C 64 16.28 -5.18 13.21
CA PHE C 64 17.60 -4.84 13.70
C PHE C 64 17.49 -3.57 14.53
N LYS C 65 17.86 -3.67 15.78
CA LYS C 65 17.76 -2.54 16.68
C LYS C 65 19.08 -1.84 16.97
N ALA C 66 20.12 -2.58 17.22
CA ALA C 66 21.44 -2.04 17.30
C ALA C 66 22.40 -2.94 16.51
N PRO C 67 23.46 -2.38 15.96
CA PRO C 67 24.32 -3.18 15.08
C PRO C 67 25.23 -4.14 15.84
N LEU C 68 25.82 -5.03 15.11
CA LEU C 68 26.89 -5.85 15.54
C LEU C 68 28.20 -5.40 14.93
N LEU C 69 29.25 -5.64 15.68
CA LEU C 69 30.58 -5.30 15.30
C LEU C 69 31.53 -6.45 15.39
N PHE C 70 32.58 -6.38 14.61
CA PHE C 70 33.66 -7.35 14.67
C PHE C 70 34.00 -7.71 16.12
N ALA C 71 33.99 -9.02 16.40
CA ALA C 71 34.45 -9.56 17.67
C ALA C 71 33.41 -9.51 18.81
N ASP C 72 32.25 -8.93 18.56
CA ASP C 72 31.18 -8.99 19.54
C ASP C 72 30.90 -10.46 19.84
N HIS C 73 30.65 -10.77 21.12
CA HIS C 73 30.21 -12.10 21.51
C HIS C 73 28.71 -12.02 21.59
N VAL C 74 28.04 -12.95 20.94
CA VAL C 74 26.60 -12.84 20.78
C VAL C 74 26.01 -14.22 20.96
N PHE C 75 24.75 -14.28 21.34
CA PHE C 75 24.07 -15.56 21.30
C PHE C 75 22.63 -15.33 20.91
N ILE C 76 21.98 -16.40 20.48
CA ILE C 76 20.60 -16.30 20.05
C ILE C 76 19.76 -17.16 20.97
N ARG C 77 18.64 -16.60 21.42
CA ARG C 77 17.64 -17.34 22.14
C ARG C 77 16.59 -17.77 21.15
N THR C 78 16.49 -19.06 20.91
CA THR C 78 15.47 -19.60 20.01
C THR C 78 14.33 -20.15 20.85
N SER C 79 13.11 -19.98 20.36
CA SER C 79 11.97 -20.63 20.98
C SER C 79 11.02 -21.00 19.86
N ILE C 80 10.38 -22.15 20.00
CA ILE C 80 9.32 -22.48 19.07
C ILE C 80 8.07 -21.66 19.45
N ARG C 81 7.55 -20.90 18.50
CA ARG C 81 6.52 -19.90 18.79
C ARG C 81 5.17 -20.22 18.13
N GLU C 82 5.16 -21.20 17.24
CA GLU C 82 3.92 -21.66 16.65
C GLU C 82 4.10 -23.07 16.09
N LEU C 83 3.02 -23.81 15.98
CA LEU C 83 3.11 -25.14 15.44
C LEU C 83 1.89 -25.51 14.70
N LYS C 84 2.02 -26.31 13.68
CA LYS C 84 0.90 -26.68 12.87
C LYS C 84 1.24 -27.97 12.17
N ASP C 85 0.36 -28.52 11.39
CA ASP C 85 0.58 -29.85 10.84
C ASP C 85 1.87 -29.95 10.03
N LYS C 86 2.11 -28.95 9.19
CA LYS C 86 3.26 -28.99 8.30
C LYS C 86 4.14 -27.76 8.38
N SER C 87 3.95 -26.95 9.43
CA SER C 87 4.74 -25.72 9.57
C SER C 87 4.97 -25.33 11.02
N PHE C 88 6.13 -24.75 11.30
CA PHE C 88 6.39 -24.20 12.62
C PHE C 88 7.11 -22.85 12.49
N ILE C 89 7.01 -22.07 13.54
CA ILE C 89 7.65 -20.77 13.52
C ILE C 89 8.65 -20.72 14.66
N LEU C 90 9.90 -20.52 14.29
CA LEU C 90 10.96 -20.29 15.24
C LEU C 90 11.12 -18.79 15.41
N GLU C 91 11.14 -18.35 16.66
CA GLU C 91 11.38 -16.98 17.01
C GLU C 91 12.81 -16.89 17.56
N HIS C 92 13.64 -16.01 17.00
CA HIS C 92 15.05 -15.90 17.38
C HIS C 92 15.38 -14.50 17.90
N HIS C 93 15.98 -14.42 19.10
CA HIS C 93 16.42 -13.12 19.65
C HIS C 93 17.95 -13.03 19.75
N PHE C 94 18.51 -11.95 19.23
CA PHE C 94 19.96 -11.72 19.33
C PHE C 94 20.32 -10.90 20.54
N ILE C 95 21.20 -11.46 21.36
CA ILE C 95 21.58 -10.78 22.59
C ILE C 95 23.07 -10.49 22.61
N LYS C 96 23.40 -9.26 22.97
CA LYS C 96 24.79 -8.82 23.07
C LYS C 96 24.96 -7.94 24.29
N GLN C 97 25.82 -8.35 25.21
CA GLN C 97 26.01 -7.62 26.46
C GLN C 97 24.67 -7.46 27.20
N GLY C 98 23.88 -8.54 27.25
CA GLY C 98 22.62 -8.54 27.97
C GLY C 98 21.45 -7.84 27.29
N ARG C 99 21.71 -7.19 26.16
CA ARG C 99 20.66 -6.47 25.44
C ARG C 99 20.27 -7.17 24.14
N VAL C 100 18.97 -7.19 23.87
CA VAL C 100 18.45 -7.66 22.58
C VAL C 100 18.76 -6.62 21.50
N ILE C 101 19.60 -6.98 20.54
CA ILE C 101 20.03 -6.07 19.48
C ILE C 101 19.33 -6.36 18.16
N ALA C 102 18.60 -7.46 18.13
CA ALA C 102 17.83 -7.82 16.95
C ALA C 102 16.93 -8.99 17.28
N SER C 103 15.80 -9.08 16.59
CA SER C 103 14.90 -10.22 16.74
C SER C 103 14.15 -10.48 15.46
N GLY C 104 13.95 -11.74 15.14
CA GLY C 104 13.16 -12.06 13.98
C GLY C 104 12.59 -13.43 14.16
N HIS C 105 12.07 -14.00 13.07
CA HIS C 105 11.55 -15.34 13.15
C HIS C 105 11.57 -16.00 11.79
N GLU C 106 11.66 -17.33 11.81
CA GLU C 106 11.64 -18.12 10.61
C GLU C 106 10.38 -18.95 10.66
N LYS C 107 9.72 -19.09 9.52
CA LYS C 107 8.62 -20.03 9.44
C LYS C 107 9.09 -21.11 8.50
N ARG C 108 8.98 -22.34 8.96
CA ARG C 108 9.52 -23.48 8.24
C ARG C 108 8.49 -24.59 8.14
N VAL C 109 8.59 -25.34 7.05
CA VAL C 109 7.75 -26.50 6.85
C VAL C 109 8.66 -27.72 6.74
N TRP C 110 8.10 -28.91 6.93
CA TRP C 110 8.90 -30.11 6.77
C TRP C 110 8.82 -30.61 5.33
N ALA C 111 9.87 -31.25 4.83
CA ALA C 111 9.85 -31.58 3.41
C ALA C 111 10.92 -32.57 2.96
N ASN C 112 10.76 -33.08 1.74
CA ASN C 112 11.76 -33.88 1.05
C ASN C 112 12.20 -33.14 -0.21
N PHE C 113 13.47 -33.27 -0.57
CA PHE C 113 14.00 -32.61 -1.75
C PHE C 113 14.15 -33.59 -2.91
N LYS C 117 13.56 -29.55 -5.74
CA LYS C 117 12.11 -29.37 -5.60
C LYS C 117 11.63 -29.76 -4.19
N LEU C 118 10.63 -29.04 -3.69
CA LEU C 118 10.16 -29.24 -2.33
C LEU C 118 8.77 -29.89 -2.26
N ALA C 119 8.76 -31.15 -1.83
CA ALA C 119 7.51 -31.85 -1.58
C ALA C 119 7.24 -31.81 -0.09
N VAL C 120 6.45 -30.83 0.33
CA VAL C 120 6.18 -30.68 1.76
C VAL C 120 5.56 -31.96 2.28
N CYS C 121 5.75 -32.20 3.57
CA CYS C 121 5.14 -33.32 4.29
C CYS C 121 5.00 -32.92 5.76
N PRO C 122 4.09 -33.58 6.48
CA PRO C 122 3.87 -33.19 7.88
C PRO C 122 5.10 -33.36 8.78
N ILE C 123 5.09 -32.51 9.81
CA ILE C 123 6.04 -32.55 10.89
C ILE C 123 5.81 -33.87 11.60
N PRO C 124 6.97 -34.62 11.82
CA PRO C 124 6.74 -35.98 12.37
C PRO C 124 6.56 -36.11 13.89
N SER C 125 6.90 -37.28 14.42
CA SER C 125 7.10 -37.42 15.85
C SER C 125 8.51 -36.90 16.24
N SER C 126 9.00 -35.56 15.89
CA SER C 126 9.48 -34.23 16.24
C SER C 126 8.37 -33.45 16.97
N VAL C 127 7.26 -33.85 16.75
CA VAL C 127 6.17 -33.00 17.20
C VAL C 127 6.05 -32.98 18.73
N ARG C 128 6.16 -34.24 19.41
CA ARG C 128 6.15 -34.24 20.87
C ARG C 128 7.34 -33.45 21.41
N VAL C 129 8.36 -33.59 20.68
CA VAL C 129 9.60 -32.92 21.03
C VAL C 129 9.44 -31.41 20.96
N LYS D 4 12.79 -0.32 -11.01
CA LYS D 4 14.09 -0.68 -11.59
C LYS D 4 14.23 -2.19 -11.61
N VAL D 5 15.13 -2.69 -12.46
CA VAL D 5 15.34 -4.14 -12.58
C VAL D 5 16.80 -4.56 -12.35
N TYR D 6 17.00 -5.59 -11.55
CA TYR D 6 18.33 -6.07 -11.22
C TYR D 6 18.48 -7.54 -11.58
N HIS D 7 19.31 -7.80 -12.57
CA HIS D 7 19.61 -9.15 -13.00
C HIS D 7 20.76 -9.74 -12.22
N PHE D 8 20.69 -11.04 -11.98
CA PHE D 8 21.80 -11.79 -11.41
C PHE D 8 21.57 -13.25 -11.76
N ARG D 9 22.59 -14.09 -11.57
CA ARG D 9 22.45 -15.53 -11.80
C ARG D 9 22.89 -16.30 -10.54
N VAL D 10 22.27 -17.46 -10.29
CA VAL D 10 22.54 -18.20 -9.08
C VAL D 10 23.90 -18.90 -9.22
N LYS D 11 24.84 -18.61 -8.33
CA LYS D 11 26.16 -19.22 -8.40
C LYS D 11 26.19 -20.54 -7.65
N PHE D 12 27.17 -21.38 -8.00
CA PHE D 12 27.31 -22.63 -7.29
C PHE D 12 27.43 -22.36 -5.79
N GLY D 13 28.21 -21.35 -5.44
CA GLY D 13 28.41 -21.03 -4.03
C GLY D 13 27.16 -20.61 -3.31
N ASP D 14 26.10 -20.30 -4.07
CA ASP D 14 24.84 -19.85 -3.50
C ASP D 14 23.97 -21.01 -3.04
N THR D 15 24.37 -22.22 -3.43
CA THR D 15 23.63 -23.43 -3.06
C THR D 15 24.14 -24.05 -1.76
N ASP D 16 23.39 -25.02 -1.25
CA ASP D 16 23.81 -25.76 -0.08
C ASP D 16 23.50 -27.25 -0.32
N ALA D 17 23.83 -28.07 0.66
CA ALA D 17 23.76 -29.52 0.49
C ALA D 17 22.35 -30.02 0.17
N ALA D 18 21.34 -29.20 0.43
CA ALA D 18 19.95 -29.57 0.11
C ALA D 18 19.70 -29.51 -1.38
N GLY D 19 20.56 -28.81 -2.11
CA GLY D 19 20.49 -28.78 -3.56
C GLY D 19 19.77 -27.56 -4.09
N ILE D 20 19.41 -26.68 -3.16
CA ILE D 20 18.66 -25.46 -3.41
C ILE D 20 19.31 -24.32 -2.66
N VAL D 21 19.06 -23.09 -3.10
CA VAL D 21 19.69 -21.90 -2.57
C VAL D 21 19.50 -21.69 -1.05
N PHE D 22 20.58 -21.40 -0.34
CA PHE D 22 20.60 -21.06 1.13
C PHE D 22 19.87 -19.70 1.52
N TYR D 23 18.86 -19.69 2.30
CA TYR D 23 17.86 -18.68 2.09
C TYR D 23 18.24 -17.18 2.21
N PRO D 24 19.22 -16.87 3.02
CA PRO D 24 19.76 -15.56 3.29
C PRO D 24 20.23 -15.12 1.95
N ASN D 25 20.76 -16.00 1.11
CA ASN D 25 21.16 -15.31 -0.12
C ASN D 25 20.09 -14.37 -0.70
N TYR D 26 18.82 -14.66 -0.43
CA TYR D 26 17.78 -13.80 -0.92
C TYR D 26 17.97 -12.40 -0.35
N TYR D 27 18.38 -12.27 0.90
CA TYR D 27 18.61 -10.96 1.49
C TYR D 27 19.73 -10.18 0.79
N LYS D 28 20.79 -10.91 0.48
CA LYS D 28 21.98 -10.41 -0.20
C LYS D 28 21.53 -9.78 -1.52
N TRP D 29 20.79 -10.63 -2.13
CA TRP D 29 20.31 -10.18 -3.43
C TRP D 29 19.42 -8.95 -3.31
N MET D 30 18.55 -8.90 -2.29
CA MET D 30 17.79 -7.69 -2.08
C MET D 30 18.72 -6.51 -1.80
N ASP D 31 19.69 -6.70 -0.92
CA ASP D 31 20.68 -5.65 -0.65
C ASP D 31 21.40 -5.19 -1.93
N GLU D 32 21.81 -6.15 -2.77
CA GLU D 32 22.39 -5.82 -4.05
C GLU D 32 21.36 -5.06 -4.93
N ALA D 33 20.09 -5.45 -4.83
CA ALA D 33 19.04 -4.78 -5.59
C ALA D 33 18.80 -3.36 -5.08
N CYS D 34 18.86 -3.17 -3.77
CA CYS D 34 18.73 -1.84 -3.19
C CYS D 34 19.90 -0.90 -3.54
N HIS D 35 21.12 -1.42 -3.57
CA HIS D 35 22.26 -0.60 -3.98
C HIS D 35 22.13 -0.15 -5.45
N HIS D 36 21.65 -1.07 -6.30
CA HIS D 36 21.48 -0.82 -7.74
C HIS D 36 20.34 0.17 -8.02
N PHE D 37 19.26 0.04 -7.25
CA PHE D 37 18.14 0.96 -7.34
C PHE D 37 18.63 2.39 -7.11
N LEU D 38 19.24 2.65 -5.96
CA LEU D 38 19.68 4.00 -5.64
C LEU D 38 20.66 4.53 -6.69
N THR D 39 21.53 3.67 -7.17
CA THR D 39 22.49 4.07 -8.18
C THR D 39 21.79 4.44 -9.49
N GLU D 40 20.67 3.80 -9.78
CA GLU D 40 19.91 4.07 -11.02
C GLU D 40 19.06 5.31 -10.88
N LEU D 41 18.77 5.68 -9.63
CA LEU D 41 18.07 6.92 -9.36
C LEU D 41 19.08 8.05 -9.25
N GLY D 42 20.33 7.78 -9.66
CA GLY D 42 21.34 8.80 -9.78
C GLY D 42 22.20 8.99 -8.55
N PHE D 43 22.15 8.02 -7.64
CA PHE D 43 22.91 8.11 -6.39
C PHE D 43 23.84 6.92 -6.18
N PRO D 44 25.06 7.04 -6.71
CA PRO D 44 26.07 5.97 -6.63
C PRO D 44 26.47 5.76 -5.18
N THR D 45 25.97 4.67 -4.60
CA THR D 45 26.11 4.44 -3.16
C THR D 45 27.57 4.30 -2.73
N SER D 46 28.45 4.08 -3.68
CA SER D 46 29.86 3.93 -3.40
C SER D 46 30.40 5.19 -2.81
N GLU D 47 30.00 6.29 -3.38
CA GLU D 47 30.26 7.57 -2.77
C GLU D 47 29.51 7.84 -1.50
N LEU D 48 28.31 7.33 -1.37
CA LEU D 48 27.56 7.49 -0.15
C LEU D 48 28.33 6.74 0.86
N ILE D 49 28.68 5.52 0.49
CA ILE D 49 29.61 4.77 1.33
C ILE D 49 30.99 5.48 1.43
N ASP D 50 31.46 6.23 0.46
CA ASP D 50 32.84 6.72 0.67
C ASP D 50 32.98 7.73 1.80
N LYS D 51 31.89 8.45 2.05
CA LYS D 51 31.66 9.38 3.15
C LYS D 51 31.11 9.02 4.60
N LYS D 52 30.80 7.78 4.96
CA LYS D 52 30.34 7.44 6.34
C LYS D 52 28.86 7.58 6.78
N ILE D 53 28.13 7.69 5.68
CA ILE D 53 26.69 7.74 5.52
C ILE D 53 26.18 6.69 4.53
N GLY D 54 25.10 6.02 4.89
CA GLY D 54 24.56 4.92 4.17
C GLY D 54 23.10 4.86 4.42
N PHE D 55 22.48 3.77 4.06
CA PHE D 55 21.06 3.58 4.25
C PHE D 55 20.77 2.30 4.98
N PRO D 56 21.06 2.28 6.27
CA PRO D 56 21.00 1.03 7.05
C PRO D 56 19.63 0.36 7.17
N ILE D 57 19.62 -0.96 7.10
CA ILE D 57 18.45 -1.78 7.34
C ILE D 57 17.89 -1.64 8.75
N VAL D 58 16.59 -1.59 8.87
CA VAL D 58 16.02 -1.64 10.20
C VAL D 58 15.06 -2.82 10.32
N GLU D 59 14.56 -3.27 9.17
CA GLU D 59 13.67 -4.41 9.13
C GLU D 59 13.74 -5.03 7.74
N ALA D 60 13.68 -6.35 7.66
CA ALA D 60 13.58 -6.98 6.36
C ALA D 60 12.81 -8.29 6.46
N THR D 61 12.00 -8.56 5.47
CA THR D 61 11.24 -9.76 5.36
C THR D 61 11.36 -10.29 4.00
N CYS D 62 11.20 -11.58 3.92
CA CYS D 62 11.06 -12.30 2.70
C CYS D 62 10.29 -13.56 2.96
N GLN D 63 9.68 -13.91 1.92
CA GLN D 63 8.70 -14.97 1.73
C GLN D 63 9.11 -15.77 0.52
N PHE D 64 9.08 -17.12 0.40
CA PHE D 64 9.63 -18.02 -0.60
C PHE D 64 8.54 -18.92 -1.14
N LYS D 65 8.30 -18.83 -2.44
CA LYS D 65 7.22 -19.57 -3.07
C LYS D 65 7.76 -20.86 -3.67
N ALA D 66 8.93 -20.75 -4.30
CA ALA D 66 9.53 -21.89 -4.98
C ALA D 66 11.04 -21.65 -4.99
N PRO D 67 11.81 -22.73 -5.02
CA PRO D 67 13.26 -22.61 -4.80
C PRO D 67 14.01 -22.10 -6.00
N LEU D 68 15.05 -21.32 -5.73
CA LEU D 68 16.08 -21.00 -6.73
C LEU D 68 17.08 -22.16 -6.80
N LEU D 69 17.51 -22.52 -8.01
CA LEU D 69 18.50 -23.57 -8.21
C LEU D 69 19.77 -22.98 -8.82
N PHE D 70 20.85 -23.77 -8.85
CA PHE D 70 22.08 -23.36 -9.48
C PHE D 70 21.86 -23.16 -10.98
N ALA D 71 22.37 -22.04 -11.48
CA ALA D 71 22.30 -21.63 -12.88
C ALA D 71 21.04 -20.88 -13.29
N ASP D 72 20.03 -20.80 -12.43
CA ASP D 72 18.84 -20.02 -12.76
C ASP D 72 19.27 -18.60 -13.11
N HIS D 73 18.61 -18.00 -14.11
CA HIS D 73 18.69 -16.56 -14.36
C HIS D 73 17.55 -15.92 -13.61
N VAL D 74 17.83 -14.90 -12.83
CA VAL D 74 16.78 -14.32 -12.02
C VAL D 74 16.86 -12.80 -12.16
N PHE D 75 15.74 -12.10 -11.96
CA PHE D 75 15.86 -10.67 -11.78
C PHE D 75 14.94 -10.23 -10.69
N ILE D 76 15.24 -9.07 -10.11
CA ILE D 76 14.44 -8.50 -9.05
C ILE D 76 13.78 -7.22 -9.53
N ARG D 77 12.47 -7.11 -9.29
CA ARG D 77 11.75 -5.87 -9.50
C ARG D 77 11.64 -5.17 -8.18
N THR D 78 12.23 -3.99 -8.14
CA THR D 78 12.24 -3.19 -6.93
C THR D 78 11.33 -2.01 -7.12
N SER D 79 10.39 -1.82 -6.24
CA SER D 79 9.48 -0.70 -6.27
C SER D 79 9.47 -0.01 -4.92
N ILE D 80 9.04 1.24 -4.84
CA ILE D 80 8.90 1.90 -3.57
C ILE D 80 7.68 1.43 -2.90
N ARG D 81 7.83 1.01 -1.71
CA ARG D 81 6.63 0.52 -1.04
C ARG D 81 6.16 1.50 0.02
N GLU D 82 7.08 2.31 0.53
CA GLU D 82 6.75 3.37 1.46
C GLU D 82 7.89 4.36 1.54
N LEU D 83 7.52 5.62 1.74
CA LEU D 83 8.51 6.67 1.80
C LEU D 83 8.09 7.73 2.79
N LYS D 84 8.84 7.83 3.87
CA LYS D 84 8.63 8.86 4.88
C LYS D 84 9.84 9.78 4.98
N ASP D 85 9.82 10.62 6.00
CA ASP D 85 10.84 11.62 6.22
C ASP D 85 12.19 10.96 6.53
N LYS D 86 12.16 9.98 7.41
CA LYS D 86 13.38 9.42 7.97
C LYS D 86 13.58 7.96 7.57
N SER D 87 12.71 7.44 6.71
CA SER D 87 12.83 6.04 6.31
C SER D 87 12.08 5.73 5.02
N PHE D 88 12.52 4.66 4.36
CA PHE D 88 11.84 4.17 3.16
C PHE D 88 11.68 2.66 3.19
N ILE D 89 10.78 2.12 2.38
CA ILE D 89 10.62 0.67 2.32
C ILE D 89 10.57 0.20 0.89
N LEU D 90 11.59 -0.55 0.48
CA LEU D 90 11.60 -1.12 -0.85
C LEU D 90 10.90 -2.47 -0.86
N GLU D 91 10.18 -2.73 -1.95
CA GLU D 91 9.56 -4.01 -2.18
C GLU D 91 10.32 -4.68 -3.30
N HIS D 92 10.76 -5.92 -3.09
CA HIS D 92 11.49 -6.61 -4.14
C HIS D 92 10.76 -7.87 -4.52
N HIS D 93 10.61 -8.08 -5.84
CA HIS D 93 10.00 -9.31 -6.36
C HIS D 93 11.05 -10.05 -7.15
N PHE D 94 11.16 -11.34 -6.88
CA PHE D 94 12.13 -12.21 -7.56
C PHE D 94 11.44 -12.93 -8.69
N ILE D 95 11.87 -12.66 -9.92
CA ILE D 95 11.25 -13.31 -11.05
C ILE D 95 12.18 -14.32 -11.70
N LYS D 96 11.71 -15.55 -11.76
CA LYS D 96 12.38 -16.59 -12.50
C LYS D 96 11.42 -17.12 -13.56
N GLN D 97 11.80 -16.97 -14.82
CA GLN D 97 10.95 -17.42 -15.93
C GLN D 97 9.53 -16.89 -15.90
N GLY D 98 9.41 -15.56 -15.90
CA GLY D 98 8.12 -14.90 -15.95
C GLY D 98 7.27 -15.04 -14.70
N ARG D 99 7.76 -15.74 -13.69
CA ARG D 99 6.99 -15.99 -12.51
C ARG D 99 7.65 -15.48 -11.27
N VAL D 100 6.89 -14.84 -10.43
CA VAL D 100 7.42 -14.39 -9.15
C VAL D 100 7.58 -15.56 -8.18
N ILE D 101 8.82 -15.90 -7.84
CA ILE D 101 9.10 -17.06 -7.01
C ILE D 101 9.48 -16.71 -5.58
N ALA D 102 9.61 -15.43 -5.30
CA ALA D 102 9.83 -14.97 -3.94
C ALA D 102 9.54 -13.49 -3.97
N SER D 103 9.12 -12.95 -2.84
CA SER D 103 9.08 -11.49 -2.71
C SER D 103 9.28 -11.02 -1.28
N GLY D 104 9.89 -9.84 -1.14
CA GLY D 104 10.07 -9.30 0.19
C GLY D 104 10.22 -7.79 0.19
N HIS D 105 10.55 -7.26 1.35
CA HIS D 105 10.79 -5.83 1.45
C HIS D 105 11.81 -5.51 2.53
N GLU D 106 12.50 -4.40 2.33
CA GLU D 106 13.44 -3.88 3.31
C GLU D 106 12.96 -2.50 3.76
N LYS D 107 12.89 -2.30 5.07
CA LYS D 107 12.76 -0.97 5.61
C LYS D 107 14.14 -0.53 6.01
N ARG D 108 14.53 0.63 5.52
CA ARG D 108 15.88 1.12 5.71
C ARG D 108 15.80 2.57 6.15
N VAL D 109 16.80 3.06 6.85
CA VAL D 109 16.77 4.46 7.22
C VAL D 109 17.96 5.16 6.60
N TRP D 110 18.23 6.40 7.03
CA TRP D 110 19.38 7.13 6.53
C TRP D 110 20.29 7.42 7.71
N ALA D 111 21.58 7.16 7.56
CA ALA D 111 22.48 7.35 8.68
C ALA D 111 23.89 7.74 8.28
N ASN D 112 24.53 8.42 9.22
CA ASN D 112 25.97 8.64 9.16
C ASN D 112 26.64 7.56 10.01
N PHE D 113 27.73 7.01 9.48
CA PHE D 113 28.52 5.99 10.18
C PHE D 113 29.90 6.55 10.50
N ALA D 119 24.86 7.70 13.33
CA ALA D 119 23.53 7.14 13.12
C ALA D 119 22.48 8.12 12.53
N VAL D 120 21.20 7.85 12.80
CA VAL D 120 20.08 8.29 11.96
C VAL D 120 19.98 9.78 11.60
N CYS D 121 19.57 10.05 10.37
CA CYS D 121 19.23 11.39 9.92
C CYS D 121 18.13 11.28 8.83
N PRO D 122 17.59 12.41 8.36
CA PRO D 122 16.54 12.32 7.32
C PRO D 122 17.10 12.11 5.92
N ILE D 123 16.37 11.35 5.12
CA ILE D 123 16.73 11.14 3.72
C ILE D 123 16.89 12.49 3.04
N PRO D 124 17.99 12.66 2.36
CA PRO D 124 18.22 13.91 1.66
C PRO D 124 17.12 14.13 0.67
N SER D 125 16.56 15.32 0.65
CA SER D 125 15.40 15.60 -0.18
C SER D 125 15.75 15.24 -1.60
N SER D 126 17.02 15.28 -1.92
CA SER D 126 17.47 14.84 -3.18
C SER D 126 17.02 13.38 -3.37
N VAL D 127 17.02 12.52 -2.34
CA VAL D 127 16.78 11.15 -2.70
C VAL D 127 15.27 10.98 -2.70
N ARG D 128 14.66 11.65 -1.76
CA ARG D 128 13.26 11.70 -1.56
C ARG D 128 12.64 12.26 -2.79
N VAL D 129 13.28 13.25 -3.39
CA VAL D 129 12.71 13.80 -4.61
C VAL D 129 12.84 12.81 -5.75
N ALA D 130 14.00 12.16 -5.84
CA ALA D 130 14.22 11.18 -6.90
C ALA D 130 13.20 10.04 -6.79
N PHE D 131 12.61 9.86 -5.61
CA PHE D 131 11.54 8.89 -5.46
C PHE D 131 10.23 9.47 -6.01
N ALA D 132 10.28 9.98 -7.24
CA ALA D 132 9.09 10.48 -7.93
C ALA D 132 9.43 10.95 -9.35
#